data_5HF3
#
_entry.id   5HF3
#
_cell.length_a   82.313
_cell.length_b   112.467
_cell.length_c   62.430
_cell.angle_alpha   90.000
_cell.angle_beta   90.000
_cell.angle_gamma   90.000
#
_symmetry.space_group_name_H-M   'C 2 2 21'
#
loop_
_entity.id
_entity.type
_entity.pdbx_description
1 polymer '14-3-3 protein sigma'
2 polymer 'modified Tau peptide'
3 water water
#
loop_
_entity_poly.entity_id
_entity_poly.type
_entity_poly.pdbx_seq_one_letter_code
_entity_poly.pdbx_strand_id
1 'polypeptide(L)'
;GAMGSMERASLIQKAKLAEQAERYEDMAAFMKGAVEKGEELS(CSO)EERNLLSVAYKNVVGGQRAAWRVLSSIEQKSNE
EGSEEKGPEVREYREKVETELQGVCDTVLGLLDSHLIKEAGDAESRVFYLKMKGDYYRYLAEVATGDDKKRIIDSARSAY
QEAMDISKKEMPPTNPIRLGLALNFSVFHYEIANSPEEAISLAKTTFDEAMADLHTLSEDSYKDSTLIMQLLRDNLTLWT
;
A
2 'polypeptide(L)' (ACE)RTP(SEP)LPT(60H) B
#
# COMPACT_ATOMS: atom_id res chain seq x y z
N GLY A 1 -0.48 -4.77 -25.75
CA GLY A 1 -1.40 -5.81 -25.31
C GLY A 1 -0.99 -6.44 -24.00
N ALA A 2 -1.87 -7.26 -23.43
CA ALA A 2 -3.13 -7.61 -24.10
C ALA A 2 -4.15 -6.48 -24.10
N MET A 3 -3.88 -5.40 -23.37
CA MET A 3 -4.80 -4.25 -23.35
C MET A 3 -4.38 -3.18 -24.33
N GLY A 4 -3.35 -3.47 -25.11
CA GLY A 4 -2.78 -2.49 -26.02
C GLY A 4 -3.74 -1.99 -27.10
N SER A 5 -4.71 -2.82 -27.47
CA SER A 5 -5.64 -2.41 -28.52
C SER A 5 -6.88 -1.68 -28.00
N MET A 6 -7.04 -1.58 -26.69
CA MET A 6 -8.23 -0.93 -26.17
C MET A 6 -7.98 0.55 -25.84
N GLU A 7 -8.97 1.39 -26.12
CA GLU A 7 -8.87 2.83 -25.82
C GLU A 7 -8.63 3.06 -24.35
N ARG A 8 -7.83 4.08 -24.02
CA ARG A 8 -7.63 4.44 -22.62
C ARG A 8 -8.95 4.67 -21.89
N ALA A 9 -9.86 5.42 -22.50
CA ALA A 9 -11.14 5.71 -21.84
C ALA A 9 -11.96 4.43 -21.59
N SER A 10 -11.91 3.49 -22.53
CA SER A 10 -12.63 2.21 -22.38
CA SER A 10 -12.62 2.22 -22.39
C SER A 10 -12.04 1.38 -21.26
N LEU A 11 -10.71 1.42 -21.11
CA LEU A 11 -10.06 0.69 -20.02
C LEU A 11 -10.50 1.27 -18.68
N ILE A 12 -10.58 2.58 -18.58
CA ILE A 12 -11.03 3.21 -17.32
C ILE A 12 -12.50 2.89 -17.07
N GLN A 13 -13.33 2.99 -18.11
CA GLN A 13 -14.73 2.64 -17.96
C GLN A 13 -14.89 1.19 -17.48
N LYS A 14 -14.10 0.27 -18.05
CA LYS A 14 -14.23 -1.14 -17.66
C LYS A 14 -13.63 -1.41 -16.28
N ALA A 15 -12.61 -0.64 -15.89
CA ALA A 15 -12.10 -0.79 -14.52
C ALA A 15 -13.21 -0.48 -13.51
N LYS A 16 -14.01 0.55 -13.81
CA LYS A 16 -15.09 0.92 -12.90
C LYS A 16 -16.19 -0.15 -12.89
N LEU A 17 -16.47 -0.71 -14.06
CA LEU A 17 -17.40 -1.83 -14.14
C LEU A 17 -16.89 -3.04 -13.35
N ALA A 18 -15.61 -3.37 -13.49
CA ALA A 18 -15.00 -4.49 -12.76
C ALA A 18 -15.07 -4.27 -11.25
N GLU A 19 -14.84 -3.03 -10.79
CA GLU A 19 -15.00 -2.73 -9.38
C GLU A 19 -16.43 -3.00 -8.89
N GLN A 20 -17.44 -2.57 -9.65
CA GLN A 20 -18.83 -2.84 -9.28
C GLN A 20 -19.13 -4.32 -9.23
N ALA A 21 -18.48 -5.10 -10.07
CA ALA A 21 -18.71 -6.53 -10.15
C ALA A 21 -17.79 -7.30 -9.22
N GLU A 22 -16.97 -6.56 -8.48
CA GLU A 22 -15.99 -7.14 -7.56
CA GLU A 22 -15.98 -7.13 -7.57
C GLU A 22 -15.04 -8.09 -8.29
N ARG A 23 -14.70 -7.73 -9.53
CA ARG A 23 -13.77 -8.50 -10.33
C ARG A 23 -12.42 -7.80 -10.32
N TYR A 24 -11.69 -7.96 -9.22
CA TYR A 24 -10.51 -7.11 -9.04
C TYR A 24 -9.32 -7.50 -9.89
N GLU A 25 -9.18 -8.78 -10.22
CA GLU A 25 -8.12 -9.17 -11.15
CA GLU A 25 -8.12 -9.18 -11.15
C GLU A 25 -8.33 -8.49 -12.50
N ASP A 26 -9.55 -8.54 -13.01
CA ASP A 26 -9.88 -7.80 -14.23
C ASP A 26 -9.61 -6.31 -14.07
N MET A 27 -10.02 -5.76 -12.94
CA MET A 27 -9.87 -4.32 -12.70
C MET A 27 -8.40 -3.94 -12.79
N ALA A 28 -7.54 -4.78 -12.22
CA ALA A 28 -6.11 -4.50 -12.20
C ALA A 28 -5.54 -4.56 -13.61
N ALA A 29 -5.97 -5.56 -14.37
CA ALA A 29 -5.50 -5.71 -15.75
C ALA A 29 -5.91 -4.50 -16.59
N PHE A 30 -7.13 -4.01 -16.38
CA PHE A 30 -7.61 -2.83 -17.10
C PHE A 30 -6.78 -1.60 -16.74
N MET A 31 -6.53 -1.41 -15.44
CA MET A 31 -5.75 -0.28 -14.96
C MET A 31 -4.28 -0.36 -15.40
N LYS A 32 -3.71 -1.56 -15.41
CA LYS A 32 -2.37 -1.76 -15.95
C LYS A 32 -2.34 -1.26 -17.40
N GLY A 33 -3.34 -1.67 -18.18
CA GLY A 33 -3.43 -1.24 -19.57
C GLY A 33 -3.52 0.26 -19.70
N ALA A 34 -4.29 0.89 -18.82
CA ALA A 34 -4.47 2.34 -18.84
C ALA A 34 -3.16 3.08 -18.52
N VAL A 35 -2.47 2.60 -17.50
CA VAL A 35 -1.17 3.15 -17.15
C VAL A 35 -0.20 3.03 -18.34
N GLU A 36 -0.22 1.88 -18.99
CA GLU A 36 0.73 1.61 -20.09
C GLU A 36 0.43 2.46 -21.34
N LYS A 37 -0.66 3.21 -21.34
CA LYS A 37 -0.90 4.17 -22.42
C LYS A 37 0.09 5.32 -22.34
N GLY A 38 0.68 5.51 -21.17
CA GLY A 38 1.78 6.45 -21.00
C GLY A 38 1.41 7.85 -20.54
N GLU A 39 0.11 8.13 -20.42
CA GLU A 39 -0.36 9.41 -19.91
C GLU A 39 -0.42 9.39 -18.39
N GLU A 40 -0.34 10.55 -17.76
CA GLU A 40 -0.45 10.63 -16.30
C GLU A 40 -1.86 10.24 -15.87
N LEU A 41 -2.02 9.86 -14.61
CA LEU A 41 -3.32 9.44 -14.09
C LEU A 41 -3.94 10.59 -13.32
N SER A 42 -5.25 10.77 -13.49
CA SER A 42 -6.00 11.70 -12.66
C SER A 42 -6.14 11.20 -11.23
N GLU A 44 -8.88 10.46 -9.61
CA GLU A 44 -9.82 9.33 -9.58
C GLU A 44 -9.16 8.07 -10.16
N GLU A 45 -8.37 8.24 -11.22
CA GLU A 45 -7.69 7.11 -11.84
C GLU A 45 -6.63 6.51 -10.92
N ARG A 46 -5.93 7.35 -10.15
CA ARG A 46 -4.97 6.83 -9.17
C ARG A 46 -5.69 5.98 -8.14
N ASN A 47 -6.87 6.44 -7.73
CA ASN A 47 -7.65 5.67 -6.77
C ASN A 47 -8.03 4.31 -7.36
N LEU A 48 -8.40 4.27 -8.64
CA LEU A 48 -8.77 3.01 -9.26
C LEU A 48 -7.60 2.04 -9.30
N LEU A 49 -6.41 2.57 -9.60
CA LEU A 49 -5.20 1.74 -9.62
C LEU A 49 -4.94 1.13 -8.26
N SER A 50 -5.02 1.98 -7.23
CA SER A 50 -4.87 1.51 -5.85
C SER A 50 -5.88 0.44 -5.49
N VAL A 51 -7.17 0.73 -5.70
CA VAL A 51 -8.22 -0.22 -5.36
C VAL A 51 -8.03 -1.59 -6.03
N ALA A 52 -7.73 -1.58 -7.32
CA ALA A 52 -7.61 -2.83 -8.07
C ALA A 52 -6.53 -3.72 -7.47
N TYR A 53 -5.31 -3.22 -7.39
CA TYR A 53 -4.22 -4.08 -6.96
C TYR A 53 -4.23 -4.39 -5.47
N LYS A 54 -4.74 -3.46 -4.67
N LYS A 54 -4.73 -3.47 -4.66
CA LYS A 54 -4.84 -3.66 -3.23
CA LYS A 54 -4.81 -3.71 -3.22
C LYS A 54 -5.74 -4.87 -2.92
C LYS A 54 -5.74 -4.89 -2.92
N ASN A 55 -6.86 -4.97 -3.63
CA ASN A 55 -7.74 -6.10 -3.48
C ASN A 55 -7.11 -7.38 -3.97
N VAL A 56 -6.40 -7.32 -5.09
CA VAL A 56 -5.74 -8.51 -5.61
C VAL A 56 -4.68 -9.02 -4.63
N VAL A 57 -3.74 -8.16 -4.24
CA VAL A 57 -2.68 -8.63 -3.35
CA VAL A 57 -2.69 -8.60 -3.33
C VAL A 57 -3.26 -8.90 -1.95
N GLY A 58 -4.38 -8.26 -1.61
CA GLY A 58 -5.02 -8.51 -0.33
C GLY A 58 -5.48 -9.96 -0.18
N GLY A 59 -6.13 -10.46 -1.21
CA GLY A 59 -6.49 -11.87 -1.27
C GLY A 59 -5.27 -12.79 -1.18
N GLN A 60 -4.19 -12.43 -1.87
CA GLN A 60 -3.00 -13.28 -1.93
C GLN A 60 -2.31 -13.32 -0.57
N ARG A 61 -2.21 -12.16 0.07
CA ARG A 61 -1.61 -12.09 1.40
C ARG A 61 -2.41 -12.89 2.42
N ALA A 62 -3.74 -12.82 2.33
CA ALA A 62 -4.59 -13.56 3.26
C ALA A 62 -4.37 -15.05 3.09
N ALA A 63 -4.29 -15.48 1.83
CA ALA A 63 -4.05 -16.88 1.52
C ALA A 63 -2.66 -17.30 2.00
N TRP A 64 -1.67 -16.45 1.76
CA TRP A 64 -0.31 -16.75 2.19
C TRP A 64 -0.24 -16.92 3.71
N ARG A 65 -0.94 -16.06 4.45
CA ARG A 65 -0.91 -16.15 5.90
CA ARG A 65 -0.91 -16.15 5.91
C ARG A 65 -1.54 -17.46 6.39
N VAL A 66 -2.66 -17.84 5.77
CA VAL A 66 -3.28 -19.13 6.10
C VAL A 66 -2.29 -20.28 5.90
N LEU A 67 -1.65 -20.33 4.72
CA LEU A 67 -0.76 -21.43 4.37
C LEU A 67 0.51 -21.42 5.23
N SER A 68 1.02 -20.22 5.51
CA SER A 68 2.20 -20.07 6.35
CA SER A 68 2.20 -20.09 6.35
C SER A 68 1.95 -20.59 7.77
N SER A 69 0.77 -20.29 8.31
CA SER A 69 0.40 -20.77 9.63
CA SER A 69 0.41 -20.77 9.64
CA SER A 69 0.38 -20.77 9.63
C SER A 69 0.36 -22.29 9.65
N ILE A 70 -0.23 -22.88 8.62
CA ILE A 70 -0.30 -24.33 8.54
C ILE A 70 1.10 -24.95 8.43
N GLU A 71 1.94 -24.31 7.63
CA GLU A 71 3.30 -24.80 7.44
C GLU A 71 4.07 -24.72 8.75
N GLN A 72 3.86 -23.64 9.49
CA GLN A 72 4.57 -23.46 10.75
C GLN A 72 4.13 -24.53 11.75
N LYS A 73 2.83 -24.81 11.80
CA LYS A 73 2.33 -25.84 12.70
C LYS A 73 2.87 -27.22 12.31
N SER A 74 3.07 -27.43 11.02
CA SER A 74 3.57 -28.71 10.52
C SER A 74 4.97 -28.97 11.02
N ASN A 75 5.74 -27.89 11.18
CA ASN A 75 7.00 -27.97 11.87
C ASN A 75 6.74 -27.93 13.36
N GLU A 76 7.71 -28.36 14.16
CA GLU A 76 7.53 -28.50 15.62
C GLU A 76 6.71 -29.74 15.98
N GLY A 78 9.74 -33.70 15.17
CA GLY A 78 9.18 -34.36 14.00
C GLY A 78 7.67 -34.32 14.00
N LYS A 82 1.38 -34.83 5.64
CA LYS A 82 2.79 -34.46 5.62
C LYS A 82 3.34 -34.46 4.18
N GLY A 83 4.66 -34.41 4.06
CA GLY A 83 5.29 -34.25 2.75
C GLY A 83 5.50 -32.79 2.39
N PRO A 84 5.92 -32.52 1.15
CA PRO A 84 6.28 -31.18 0.67
C PRO A 84 5.10 -30.31 0.25
N GLU A 85 3.88 -30.83 0.32
CA GLU A 85 2.78 -30.15 -0.35
C GLU A 85 2.47 -28.78 0.25
N VAL A 86 2.47 -28.68 1.58
CA VAL A 86 2.17 -27.40 2.22
C VAL A 86 3.18 -26.33 1.80
N ARG A 87 4.46 -26.65 1.94
CA ARG A 87 5.51 -25.75 1.49
CA ARG A 87 5.56 -25.82 1.48
C ARG A 87 5.38 -25.42 0.00
N GLU A 88 5.15 -26.42 -0.85
CA GLU A 88 5.00 -26.15 -2.28
C GLU A 88 3.91 -25.15 -2.57
N TYR A 89 2.75 -25.38 -1.98
CA TYR A 89 1.60 -24.53 -2.27
C TYR A 89 1.79 -23.13 -1.67
N ARG A 90 2.38 -23.05 -0.48
CA ARG A 90 2.69 -21.73 0.09
C ARG A 90 3.64 -20.99 -0.85
N GLU A 91 4.63 -21.70 -1.39
CA GLU A 91 5.58 -21.11 -2.33
CA GLU A 91 5.58 -21.10 -2.32
C GLU A 91 4.89 -20.64 -3.61
N LYS A 92 3.91 -21.41 -4.06
CA LYS A 92 3.19 -21.04 -5.26
CA LYS A 92 3.15 -21.05 -5.26
C LYS A 92 2.43 -19.73 -5.06
N VAL A 93 1.71 -19.64 -3.94
CA VAL A 93 0.98 -18.42 -3.62
C VAL A 93 1.96 -17.25 -3.43
N GLU A 94 3.06 -17.52 -2.72
CA GLU A 94 4.10 -16.53 -2.49
C GLU A 94 4.67 -15.96 -3.81
N THR A 95 5.01 -16.85 -4.74
CA THR A 95 5.55 -16.44 -6.04
CA THR A 95 5.58 -16.38 -6.01
CA THR A 95 5.56 -16.41 -6.03
C THR A 95 4.56 -15.57 -6.81
N GLU A 96 3.28 -15.94 -6.72
CA GLU A 96 2.23 -15.21 -7.44
C GLU A 96 2.09 -13.81 -6.83
N LEU A 97 2.15 -13.75 -5.51
CA LEU A 97 2.09 -12.50 -4.76
CA LEU A 97 2.08 -12.49 -4.78
C LEU A 97 3.25 -11.58 -5.13
N GLN A 98 4.46 -12.13 -5.13
CA GLN A 98 5.64 -11.36 -5.48
C GLN A 98 5.51 -10.85 -6.91
N GLY A 99 4.93 -11.66 -7.79
CA GLY A 99 4.73 -11.24 -9.16
C GLY A 99 3.83 -10.03 -9.25
N VAL A 100 2.77 -10.01 -8.46
CA VAL A 100 1.87 -8.86 -8.46
C VAL A 100 2.60 -7.63 -7.89
N CYS A 101 3.34 -7.79 -6.80
CA CYS A 101 4.09 -6.67 -6.25
C CYS A 101 5.08 -6.12 -7.29
N ASP A 102 5.77 -7.03 -7.99
CA ASP A 102 6.75 -6.61 -8.98
C ASP A 102 6.07 -5.87 -10.13
N THR A 103 4.87 -6.30 -10.48
CA THR A 103 4.12 -5.66 -11.55
C THR A 103 3.78 -4.22 -11.17
N VAL A 104 3.30 -4.02 -9.95
CA VAL A 104 2.88 -2.68 -9.53
C VAL A 104 4.11 -1.80 -9.40
N LEU A 105 5.17 -2.34 -8.81
CA LEU A 105 6.41 -1.59 -8.67
C LEU A 105 6.96 -1.21 -10.04
N GLY A 106 6.75 -2.08 -11.02
CA GLY A 106 7.15 -1.82 -12.39
C GLY A 106 6.40 -0.65 -13.01
N LEU A 107 5.10 -0.57 -12.75
CA LEU A 107 4.29 0.54 -13.27
C LEU A 107 4.75 1.84 -12.63
N LEU A 108 5.05 1.77 -11.34
CA LEU A 108 5.42 2.98 -10.62
C LEU A 108 6.75 3.52 -11.14
N ASP A 109 7.67 2.60 -11.44
CA ASP A 109 8.99 2.93 -11.92
CA ASP A 109 8.98 3.05 -11.89
C ASP A 109 9.02 3.24 -13.41
N SER A 110 8.03 2.72 -14.14
CA SER A 110 7.97 2.90 -15.59
C SER A 110 6.56 3.29 -16.05
N HIS A 111 6.16 4.55 -15.91
CA HIS A 111 7.00 5.67 -15.48
C HIS A 111 6.20 6.66 -14.63
N LEU A 112 5.31 6.14 -13.79
CA LEU A 112 4.40 6.96 -13.00
C LEU A 112 5.11 7.96 -12.07
N ILE A 113 6.08 7.48 -11.31
CA ILE A 113 6.70 8.34 -10.31
C ILE A 113 7.49 9.47 -10.94
N LYS A 114 8.25 9.16 -11.99
CA LYS A 114 9.14 10.18 -12.57
C LYS A 114 8.33 11.30 -13.23
N GLU A 115 10.84 13.21 -10.66
N GLU A 115 7.13 10.99 -13.70
CA GLU A 115 10.88 14.30 -9.70
CA GLU A 115 6.35 12.05 -14.32
C GLU A 115 9.84 15.36 -10.02
C GLU A 115 5.41 12.76 -13.32
N ALA A 116 9.62 15.59 -11.31
N ALA A 116 5.36 12.30 -12.08
CA ALA A 116 8.66 16.60 -11.76
CA ALA A 116 4.45 12.90 -11.10
C ALA A 116 7.24 16.14 -11.52
C ALA A 116 5.10 14.10 -10.42
N GLY A 117 6.47 16.94 -10.79
N GLY A 117 4.66 15.29 -10.79
CA GLY A 117 5.06 16.62 -10.54
CA GLY A 117 5.24 16.51 -10.24
C GLY A 117 4.38 17.37 -9.41
C GLY A 117 4.45 17.12 -9.11
N ASP A 118 3.13 16.98 -9.14
CA ASP A 118 2.33 17.56 -8.08
C ASP A 118 2.49 16.76 -6.80
N ALA A 119 2.52 17.46 -5.67
CA ALA A 119 2.74 16.82 -4.39
C ALA A 119 1.81 15.64 -4.16
N GLU A 120 0.52 15.86 -4.41
N GLU A 120 0.52 15.80 -4.44
CA GLU A 120 -0.51 14.86 -4.23
CA GLU A 120 -0.40 14.72 -4.08
C GLU A 120 -0.17 13.56 -4.96
C GLU A 120 -0.28 13.49 -5.00
N SER A 121 0.04 13.67 -6.27
CA SER A 121 0.30 12.51 -7.11
C SER A 121 1.61 11.84 -6.69
N ARG A 122 2.65 12.64 -6.48
CA ARG A 122 3.95 12.08 -6.12
C ARG A 122 3.89 11.31 -4.80
N VAL A 123 3.29 11.93 -3.78
CA VAL A 123 3.10 11.27 -2.49
C VAL A 123 2.25 10.00 -2.61
N PHE A 124 1.16 10.07 -3.37
CA PHE A 124 0.32 8.88 -3.64
C PHE A 124 1.15 7.70 -4.16
N TYR A 125 1.98 7.95 -5.17
CA TYR A 125 2.72 6.86 -5.80
C TYR A 125 3.83 6.36 -4.89
N LEU A 126 4.48 7.27 -4.15
CA LEU A 126 5.56 6.83 -3.28
C LEU A 126 5.03 6.03 -2.11
N LYS A 127 3.87 6.43 -1.58
CA LYS A 127 3.18 5.65 -0.57
C LYS A 127 2.89 4.25 -1.13
N MET A 128 2.39 4.17 -2.35
CA MET A 128 2.12 2.87 -2.97
CA MET A 128 2.12 2.87 -2.95
C MET A 128 3.39 2.04 -3.08
N LYS A 129 4.47 2.68 -3.50
CA LYS A 129 5.75 1.99 -3.62
C LYS A 129 6.19 1.42 -2.26
N GLY A 130 6.09 2.23 -1.22
CA GLY A 130 6.37 1.75 0.12
C GLY A 130 5.52 0.54 0.48
N ASP A 131 4.23 0.60 0.16
CA ASP A 131 3.34 -0.52 0.50
C ASP A 131 3.79 -1.80 -0.19
N TYR A 132 4.09 -1.74 -1.49
CA TYR A 132 4.36 -3.00 -2.21
C TYR A 132 5.73 -3.57 -1.83
N TYR A 133 6.68 -2.72 -1.46
CA TYR A 133 7.90 -3.25 -0.87
C TYR A 133 7.61 -3.86 0.50
N ARG A 134 6.70 -3.26 1.27
CA ARG A 134 6.32 -3.84 2.55
C ARG A 134 5.70 -5.23 2.36
N TYR A 135 4.85 -5.39 1.35
CA TYR A 135 4.26 -6.71 1.10
C TYR A 135 5.35 -7.71 0.71
N LEU A 136 6.32 -7.25 -0.07
CA LEU A 136 7.45 -8.10 -0.38
C LEU A 136 8.22 -8.44 0.90
N ALA A 137 8.36 -7.47 1.80
CA ALA A 137 9.07 -7.73 3.06
C ALA A 137 8.37 -8.76 3.95
N GLU A 138 7.04 -8.81 3.87
CA GLU A 138 6.28 -9.71 4.74
C GLU A 138 6.64 -11.17 4.47
N VAL A 139 7.03 -11.47 3.25
CA VAL A 139 7.33 -12.86 2.84
C VAL A 139 8.81 -13.10 2.58
N ALA A 140 9.64 -12.07 2.76
CA ALA A 140 11.07 -12.19 2.46
C ALA A 140 11.83 -12.92 3.56
N THR A 141 12.79 -13.72 3.14
CA THR A 141 13.67 -14.44 4.08
CA THR A 141 13.67 -14.42 4.08
C THR A 141 15.11 -14.37 3.59
N ASP A 143 20.89 -11.62 2.46
CA ASP A 143 19.82 -10.96 3.21
C ASP A 143 19.04 -10.02 2.32
N ASP A 144 18.43 -10.55 1.26
CA ASP A 144 17.61 -9.75 0.37
CA ASP A 144 17.57 -9.78 0.37
C ASP A 144 16.58 -8.95 1.16
N LYS A 145 16.12 -9.54 2.27
CA LYS A 145 15.12 -8.95 3.13
C LYS A 145 15.49 -7.55 3.59
N LYS A 146 16.75 -7.33 3.94
CA LYS A 146 17.12 -6.02 4.49
C LYS A 146 17.02 -4.95 3.44
N ARG A 147 17.47 -5.25 2.22
CA ARG A 147 17.37 -4.28 1.15
CA ARG A 147 17.36 -4.31 1.10
C ARG A 147 15.89 -4.02 0.80
N ILE A 148 15.08 -5.07 0.86
CA ILE A 148 13.65 -4.90 0.60
C ILE A 148 13.02 -3.95 1.63
N ILE A 149 13.28 -4.22 2.90
CA ILE A 149 12.83 -3.36 3.99
C ILE A 149 13.30 -1.91 3.82
N ASP A 150 14.56 -1.73 3.43
CA ASP A 150 15.05 -0.37 3.28
C ASP A 150 14.44 0.33 2.05
N SER A 151 14.06 -0.44 1.03
CA SER A 151 13.39 0.13 -0.12
C SER A 151 12.01 0.64 0.30
N ALA A 152 11.31 -0.15 1.11
CA ALA A 152 10.03 0.29 1.66
C ALA A 152 10.21 1.58 2.47
N ARG A 153 11.15 1.55 3.41
CA ARG A 153 11.45 2.72 4.24
CA ARG A 153 11.46 2.72 4.24
C ARG A 153 11.77 3.96 3.42
N SER A 154 12.63 3.82 2.41
CA SER A 154 13.04 4.94 1.59
CA SER A 154 13.05 4.92 1.56
C SER A 154 11.87 5.58 0.87
N ALA A 155 10.99 4.75 0.30
CA ALA A 155 9.82 5.26 -0.40
C ALA A 155 8.88 5.99 0.54
N TYR A 156 8.55 5.36 1.67
CA TYR A 156 7.73 6.01 2.69
C TYR A 156 8.36 7.33 3.16
N GLN A 157 9.67 7.34 3.35
CA GLN A 157 10.34 8.54 3.88
C GLN A 157 10.27 9.70 2.91
N GLU A 158 10.53 9.42 1.63
CA GLU A 158 10.44 10.47 0.63
CA GLU A 158 10.42 10.45 0.60
C GLU A 158 9.01 11.02 0.56
N ALA A 159 8.03 10.13 0.61
CA ALA A 159 6.63 10.56 0.61
C ALA A 159 6.32 11.41 1.84
N MET A 160 6.84 11.03 3.00
CA MET A 160 6.62 11.79 4.23
CA MET A 160 6.62 11.79 4.23
C MET A 160 7.20 13.20 4.09
N ASP A 161 8.43 13.27 3.59
CA ASP A 161 9.11 14.56 3.46
C ASP A 161 8.30 15.50 2.57
N ILE A 162 7.84 15.01 1.43
CA ILE A 162 7.05 15.84 0.53
C ILE A 162 5.71 16.21 1.17
N SER A 163 5.06 15.24 1.83
CA SER A 163 3.72 15.49 2.34
C SER A 163 3.77 16.51 3.49
N LYS A 164 4.82 16.47 4.28
CA LYS A 164 4.92 17.41 5.40
C LYS A 164 5.15 18.83 4.90
N LYS A 165 5.88 18.95 3.79
CA LYS A 165 6.18 20.26 3.22
CA LYS A 165 6.19 20.25 3.23
C LYS A 165 5.03 20.83 2.41
N GLU A 166 4.29 19.98 1.70
CA GLU A 166 3.38 20.44 0.64
CA GLU A 166 3.38 20.44 0.65
CA GLU A 166 3.39 20.44 0.64
C GLU A 166 1.90 20.21 0.92
N MET A 167 1.56 19.46 1.95
CA MET A 167 0.15 19.15 2.18
C MET A 167 -0.29 19.49 3.59
N PRO A 168 -1.57 19.85 3.77
CA PRO A 168 -2.04 20.10 5.13
C PRO A 168 -2.10 18.81 5.94
N PRO A 169 -1.99 18.92 7.27
CA PRO A 169 -1.94 17.75 8.14
C PRO A 169 -3.21 16.92 8.11
N THR A 170 -4.30 17.49 7.61
CA THR A 170 -5.54 16.73 7.48
C THR A 170 -5.74 16.06 6.12
N ASN A 171 -4.84 16.32 5.17
CA ASN A 171 -4.99 15.71 3.85
C ASN A 171 -5.06 14.18 3.93
N PRO A 172 -6.12 13.56 3.37
CA PRO A 172 -6.30 12.11 3.52
C PRO A 172 -5.13 11.28 2.99
N ILE A 173 -4.49 11.76 1.93
N ILE A 173 -4.49 11.76 1.93
CA ILE A 173 -3.31 11.09 1.37
CA ILE A 173 -3.33 11.07 1.37
C ILE A 173 -2.15 11.14 2.36
C ILE A 173 -2.16 11.14 2.37
N ARG A 174 -1.93 12.32 2.93
CA ARG A 174 -0.92 12.48 3.99
C ARG A 174 -1.24 11.60 5.19
N LEU A 175 -2.50 11.59 5.60
CA LEU A 175 -2.92 10.77 6.75
C LEU A 175 -2.75 9.28 6.48
N GLY A 176 -3.15 8.84 5.29
CA GLY A 176 -3.06 7.43 4.93
C GLY A 176 -1.62 6.98 4.82
N LEU A 177 -0.77 7.84 4.27
CA LEU A 177 0.66 7.56 4.22
C LEU A 177 1.21 7.38 5.64
N ALA A 178 0.84 8.30 6.54
CA ALA A 178 1.38 8.24 7.90
C ALA A 178 0.92 6.97 8.59
N LEU A 179 -0.34 6.62 8.39
N LEU A 179 -0.35 6.62 8.41
CA LEU A 179 -0.92 5.41 8.97
CA LEU A 179 -0.88 5.41 9.04
C LEU A 179 -0.15 4.16 8.54
C LEU A 179 -0.10 4.17 8.55
N ASN A 180 0.13 4.06 7.25
CA ASN A 180 0.85 2.87 6.73
C ASN A 180 2.32 2.85 7.08
N PHE A 181 2.95 4.03 7.14
CA PHE A 181 4.36 4.09 7.52
C PHE A 181 4.47 3.67 9.00
N SER A 182 3.50 4.10 9.80
CA SER A 182 3.50 3.69 11.21
CA SER A 182 3.46 3.68 11.20
C SER A 182 3.31 2.17 11.31
N VAL A 183 2.46 1.59 10.46
CA VAL A 183 2.32 0.14 10.45
C VAL A 183 3.61 -0.55 10.02
N PHE A 184 4.30 0.03 9.04
CA PHE A 184 5.61 -0.48 8.63
C PHE A 184 6.54 -0.49 9.86
N HIS A 185 6.57 0.61 10.60
CA HIS A 185 7.48 0.67 11.75
C HIS A 185 7.15 -0.45 12.74
N TYR A 186 5.86 -0.65 12.98
CA TYR A 186 5.44 -1.60 14.01
C TYR A 186 5.60 -3.05 13.58
N GLU A 187 5.20 -3.34 12.34
CA GLU A 187 5.10 -4.73 11.87
C GLU A 187 6.35 -5.22 11.18
N ILE A 188 7.09 -4.32 10.53
CA ILE A 188 8.20 -4.75 9.70
C ILE A 188 9.58 -4.39 10.27
N ALA A 189 9.70 -3.15 10.74
CA ALA A 189 11.00 -2.61 11.14
C ALA A 189 11.32 -2.82 12.62
N ASN A 190 10.44 -3.51 13.34
CA ASN A 190 10.63 -3.79 14.76
C ASN A 190 10.87 -2.51 15.54
N SER A 191 10.07 -1.49 15.25
CA SER A 191 10.21 -0.17 15.88
C SER A 191 8.85 0.32 16.40
N PRO A 192 8.27 -0.40 17.36
CA PRO A 192 6.95 -0.02 17.87
C PRO A 192 6.92 1.39 18.45
N GLU A 193 8.00 1.85 19.07
CA GLU A 193 7.97 3.19 19.64
C GLU A 193 7.89 4.23 18.54
N GLU A 194 8.63 4.04 17.45
CA GLU A 194 8.54 4.94 16.31
C GLU A 194 7.12 4.90 15.73
N ALA A 195 6.54 3.70 15.71
CA ALA A 195 5.19 3.54 15.17
C ALA A 195 4.17 4.35 15.98
N ILE A 196 4.25 4.21 17.30
CA ILE A 196 3.34 4.90 18.20
C ILE A 196 3.54 6.42 18.11
N SER A 197 4.79 6.85 18.09
CA SER A 197 5.10 8.28 18.02
CA SER A 197 5.12 8.27 18.01
C SER A 197 4.56 8.89 16.74
N LEU A 198 4.81 8.23 15.61
CA LEU A 198 4.32 8.76 14.35
C LEU A 198 2.79 8.85 14.35
N ALA A 199 2.13 7.80 14.81
CA ALA A 199 0.67 7.77 14.84
C ALA A 199 0.09 8.88 15.72
N LYS A 200 0.70 9.10 16.88
CA LYS A 200 0.26 10.12 17.83
CA LYS A 200 0.20 10.11 17.80
C LYS A 200 0.40 11.52 17.28
N THR A 201 1.59 11.84 16.77
CA THR A 201 1.83 13.18 16.26
CA THR A 201 1.87 13.16 16.22
C THR A 201 1.00 13.45 15.02
N THR A 202 0.78 12.43 14.21
CA THR A 202 -0.05 12.57 13.01
C THR A 202 -1.47 12.89 13.45
N PHE A 203 -1.97 12.13 14.43
CA PHE A 203 -3.33 12.32 14.91
C PHE A 203 -3.51 13.71 15.54
N ASP A 204 -2.58 14.09 16.42
CA ASP A 204 -2.68 15.39 17.08
C ASP A 204 -2.59 16.56 16.09
N GLU A 205 -1.72 16.47 15.10
CA GLU A 205 -1.57 17.57 14.17
C GLU A 205 -2.79 17.69 13.26
N ALA A 206 -3.40 16.56 12.94
CA ALA A 206 -4.65 16.58 12.18
C ALA A 206 -5.78 17.17 13.01
N MET A 207 -5.91 16.72 14.26
CA MET A 207 -6.92 17.28 15.17
C MET A 207 -6.91 18.82 15.17
N ALA A 208 -5.72 19.40 15.25
CA ALA A 208 -5.57 20.85 15.36
C ALA A 208 -5.94 21.58 14.09
N ASP A 209 -6.05 20.85 12.99
CA ASP A 209 -6.34 21.47 11.70
C ASP A 209 -7.78 21.21 11.21
N LEU A 210 -8.55 20.40 11.94
CA LEU A 210 -9.91 20.12 11.54
C LEU A 210 -10.76 21.38 11.40
N HIS A 211 -10.47 22.41 12.19
CA HIS A 211 -11.34 23.58 12.21
C HIS A 211 -11.36 24.31 10.86
N THR A 212 -10.36 24.02 10.01
CA THR A 212 -10.24 24.71 8.72
C THR A 212 -11.12 24.09 7.62
N LEU A 213 -11.71 22.95 7.92
CA LEU A 213 -12.31 22.08 6.91
C LEU A 213 -13.81 22.22 6.74
N SER A 214 -14.28 21.98 5.52
CA SER A 214 -15.69 21.83 5.23
CA SER A 214 -15.70 21.84 5.25
C SER A 214 -16.23 20.57 5.91
N GLU A 215 -17.55 20.44 5.96
CA GLU A 215 -18.15 19.26 6.55
C GLU A 215 -17.71 17.98 5.84
N ASP A 216 -17.65 18.02 4.52
CA ASP A 216 -17.26 16.84 3.75
C ASP A 216 -15.79 16.47 3.96
N SER A 217 -14.91 17.48 3.93
CA SER A 217 -13.49 17.25 4.19
C SER A 217 -13.27 16.74 5.61
N TYR A 218 -14.02 17.30 6.56
CA TYR A 218 -13.97 16.86 7.95
C TYR A 218 -14.28 15.37 8.07
N LYS A 219 -15.32 14.95 7.37
CA LYS A 219 -15.72 13.55 7.34
C LYS A 219 -14.59 12.68 6.80
N ASP A 220 -14.00 13.10 5.69
CA ASP A 220 -12.89 12.34 5.07
C ASP A 220 -11.72 12.19 6.03
N SER A 221 -11.30 13.29 6.63
CA SER A 221 -10.13 13.28 7.51
C SER A 221 -10.37 12.49 8.80
N THR A 222 -11.52 12.70 9.44
CA THR A 222 -11.75 12.08 10.73
C THR A 222 -11.88 10.58 10.59
N LEU A 223 -12.37 10.11 9.45
CA LEU A 223 -12.45 8.67 9.21
C LEU A 223 -11.07 8.04 9.34
N ILE A 224 -10.06 8.65 8.71
CA ILE A 224 -8.73 8.08 8.76
C ILE A 224 -8.10 8.31 10.14
N MET A 225 -8.39 9.44 10.77
CA MET A 225 -7.91 9.69 12.12
C MET A 225 -8.39 8.60 13.08
N GLN A 226 -9.61 8.10 12.87
CA GLN A 226 -10.16 7.06 13.73
C GLN A 226 -9.36 5.77 13.58
N LEU A 227 -8.94 5.49 12.36
CA LEU A 227 -8.09 4.32 12.13
C LEU A 227 -6.72 4.47 12.78
N LEU A 228 -6.16 5.68 12.77
CA LEU A 228 -4.93 5.94 13.52
C LEU A 228 -5.13 5.65 15.00
N ARG A 229 -6.22 6.20 15.55
CA ARG A 229 -6.56 5.99 16.95
CA ARG A 229 -6.54 5.99 16.97
C ARG A 229 -6.75 4.51 17.28
N ASP A 230 -7.44 3.79 16.40
CA ASP A 230 -7.66 2.35 16.61
C ASP A 230 -6.32 1.64 16.75
N ASN A 231 -5.34 2.02 15.93
CA ASN A 231 -4.05 1.35 16.00
C ASN A 231 -3.32 1.69 17.28
N LEU A 232 -3.41 2.94 17.70
CA LEU A 232 -2.81 3.35 18.95
C LEU A 232 -3.39 2.59 20.14
N THR A 233 -4.70 2.40 20.14
CA THR A 233 -5.39 1.63 21.20
CA THR A 233 -5.35 1.67 21.23
C THR A 233 -4.90 0.19 21.22
N LEU A 234 -4.66 -0.34 20.03
CA LEU A 234 -4.17 -1.70 19.91
CA LEU A 234 -4.17 -1.70 19.89
C LEU A 234 -2.74 -1.80 20.42
N TRP A 235 -1.94 -0.75 20.17
CA TRP A 235 -0.51 -0.77 20.50
C TRP A 235 -0.17 -0.41 21.94
N THR A 236 -1.10 0.20 22.65
CA THR A 236 -0.81 0.70 23.98
C THR A 236 -1.82 0.19 25.00
N ARG B 2 -1.72 -9.14 12.83
CA ARG B 2 -1.80 -8.10 11.83
C ARG B 2 -2.41 -6.77 12.29
N THR B 3 -1.58 -5.75 12.55
CA THR B 3 -2.10 -4.41 12.77
C THR B 3 -2.79 -3.96 11.48
N PRO B 4 -4.05 -3.50 11.53
CA PRO B 4 -4.69 -3.01 10.30
C PRO B 4 -4.01 -1.80 9.66
N LEU B 6 -4.25 0.93 6.12
CA LEU B 6 -5.30 1.79 5.61
C LEU B 6 -6.03 1.05 4.48
N PRO B 7 -7.35 0.81 4.61
CA PRO B 7 -8.09 0.21 3.51
C PRO B 7 -8.19 1.15 2.31
N THR B 8 -8.17 0.59 1.10
CA THR B 8 -8.44 1.38 -0.09
C THR B 8 -7.23 2.29 -0.31
#